data_5IJP
#
_entry.id   5IJP
#
_cell.length_a   74.200
_cell.length_b   74.200
_cell.length_c   74.420
_cell.angle_alpha   90.00
_cell.angle_beta   90.00
_cell.angle_gamma   120.00
#
_symmetry.space_group_name_H-M   'P 62'
#
loop_
_entity.id
_entity.type
_entity.pdbx_description
1 polymer 'Putative uncharacterized protein'
2 non-polymer 'ACETATE ION'
3 non-polymer 'INOSITOL HEXAKISPHOSPHATE'
4 water water
#
_entity_poly.entity_id   1
_entity_poly.type   'polypeptide(L)'
_entity_poly.pdbx_seq_one_letter_code
;MKFGQQLRSSIIREYQWHYIDYDGLKADLKRASGPLVASSDPTKPPRREWTEDDESRFVSKLEAELDKVHAKQQVKAMEI
SRRIAVSEREVQDVVGRLQDRGPGQEGPSEEEFMLLEEDLSDIIADVHDLAKFVQVNYTGFYKIIKKHDKMTGWRLKPVF
DTRLKAKPFYKENYDASVVRLSKLYDLVRTRGNLEHHHHHH
;
_entity_poly.pdbx_strand_id   A
#
loop_
_chem_comp.id
_chem_comp.type
_chem_comp.name
_chem_comp.formula
ACT non-polymer 'ACETATE ION' 'C2 H3 O2 -1'
IHP non-polymer 'INOSITOL HEXAKISPHOSPHATE' 'C6 H18 O24 P6'
#
# COMPACT_ATOMS: atom_id res chain seq x y z
N MET A 1 -0.45 4.34 -21.53
CA MET A 1 -0.33 4.72 -20.13
C MET A 1 1.01 5.37 -19.78
N LYS A 2 1.11 5.94 -18.56
CA LYS A 2 2.30 6.62 -18.03
C LYS A 2 2.50 6.38 -16.53
N PHE A 3 2.43 5.11 -16.09
CA PHE A 3 2.58 4.71 -14.68
C PHE A 3 3.98 4.95 -14.11
N GLY A 4 5.02 4.72 -14.92
CA GLY A 4 6.42 4.89 -14.54
C GLY A 4 6.74 6.27 -13.97
N GLN A 5 6.11 7.31 -14.54
CA GLN A 5 6.25 8.70 -14.13
C GLN A 5 5.20 9.06 -13.06
N GLN A 6 4.00 8.42 -13.12
CA GLN A 6 2.90 8.61 -12.19
C GLN A 6 3.26 8.17 -10.77
N LEU A 7 3.91 6.99 -10.64
CA LEU A 7 4.36 6.41 -9.37
C LEU A 7 5.48 7.25 -8.75
N ARG A 8 6.42 7.74 -9.60
CA ARG A 8 7.56 8.57 -9.20
C ARG A 8 7.13 9.94 -8.68
N SER A 9 6.08 10.54 -9.30
CA SER A 9 5.54 11.84 -8.93
C SER A 9 4.74 11.77 -7.62
N SER A 10 4.06 10.63 -7.37
CA SER A 10 3.25 10.42 -6.17
C SER A 10 4.01 9.69 -5.04
N ILE A 11 5.31 9.99 -4.88
CA ILE A 11 6.16 9.42 -3.83
C ILE A 11 6.19 10.33 -2.59
N ILE A 12 5.84 9.75 -1.43
CA ILE A 12 5.86 10.42 -0.13
C ILE A 12 7.18 10.01 0.54
N ARG A 13 7.91 10.98 1.12
CA ARG A 13 9.19 10.79 1.81
C ARG A 13 9.12 9.76 2.96
N GLU A 14 7.92 9.59 3.56
CA GLU A 14 7.61 8.65 4.63
C GLU A 14 7.73 7.19 4.14
N TYR A 15 7.28 6.93 2.89
CA TYR A 15 7.30 5.60 2.26
C TYR A 15 8.35 5.48 1.13
N GLN A 16 9.13 6.56 0.87
CA GLN A 16 10.15 6.74 -0.18
C GLN A 16 10.92 5.48 -0.63
N TRP A 17 11.48 4.70 0.32
CA TRP A 17 12.27 3.50 0.01
C TRP A 17 11.46 2.18 0.00
N HIS A 18 10.13 2.27 0.03
CA HIS A 18 9.27 1.07 0.09
C HIS A 18 8.26 0.92 -1.06
N TYR A 19 8.34 1.80 -2.09
CA TYR A 19 7.46 1.73 -3.27
C TYR A 19 7.92 0.60 -4.20
N ILE A 20 7.08 0.23 -5.19
CA ILE A 20 7.38 -0.81 -6.18
C ILE A 20 8.54 -0.38 -7.08
N ASP A 21 9.44 -1.31 -7.39
CA ASP A 21 10.54 -1.05 -8.30
C ASP A 21 10.01 -1.39 -9.70
N TYR A 22 9.02 -0.59 -10.16
CA TYR A 22 8.31 -0.72 -11.42
C TYR A 22 9.26 -0.67 -12.62
N ASP A 23 10.22 0.27 -12.60
CA ASP A 23 11.22 0.44 -13.66
C ASP A 23 12.25 -0.71 -13.63
N GLY A 24 12.54 -1.22 -12.43
CA GLY A 24 13.45 -2.32 -12.20
C GLY A 24 12.89 -3.64 -12.70
N LEU A 25 11.59 -3.88 -12.44
CA LEU A 25 10.88 -5.09 -12.87
C LEU A 25 10.61 -5.07 -14.38
N LYS A 26 10.39 -3.88 -14.95
CA LYS A 26 10.15 -3.65 -16.38
C LYS A 26 11.43 -3.97 -17.17
N ALA A 27 12.60 -3.58 -16.62
CA ALA A 27 13.92 -3.82 -17.22
C ALA A 27 14.28 -5.32 -17.17
N ASP A 28 13.80 -6.03 -16.13
CA ASP A 28 14.01 -7.46 -15.93
C ASP A 28 13.28 -8.30 -17.00
N LEU A 29 12.13 -7.79 -17.50
CA LEU A 29 11.32 -8.43 -18.54
C LEU A 29 12.01 -8.39 -19.90
N LYS A 30 12.87 -7.38 -20.12
CA LYS A 30 13.63 -7.19 -21.36
C LYS A 30 14.90 -8.06 -21.37
N ARG A 31 15.32 -8.55 -20.18
CA ARG A 31 16.51 -9.37 -20.00
C ARG A 31 16.25 -10.88 -20.15
N ALA A 32 15.76 -11.28 -21.34
CA ALA A 32 15.50 -12.69 -21.67
C ALA A 32 16.81 -13.38 -22.06
N SER A 33 17.00 -14.65 -21.65
CA SER A 33 18.23 -15.39 -21.91
C SER A 33 18.06 -16.69 -22.74
N GLY A 34 16.92 -16.84 -23.42
CA GLY A 34 16.64 -18.01 -24.24
C GLY A 34 17.09 -17.91 -25.68
N PRO A 35 16.55 -18.76 -26.60
CA PRO A 35 16.97 -18.67 -28.00
C PRO A 35 16.45 -17.42 -28.72
N LEU A 36 17.21 -16.93 -29.72
CA LEU A 36 16.85 -15.73 -30.48
C LEU A 36 15.65 -15.97 -31.40
N VAL A 37 14.56 -15.22 -31.16
CA VAL A 37 13.32 -15.29 -31.93
C VAL A 37 13.32 -14.23 -33.03
N ALA A 38 13.05 -14.64 -34.27
CA ALA A 38 13.02 -13.76 -35.44
C ALA A 38 11.67 -13.06 -35.61
N SER A 39 11.71 -11.75 -35.94
CA SER A 39 10.54 -10.90 -36.16
C SER A 39 10.86 -9.82 -37.20
N SER A 40 10.06 -9.75 -38.27
CA SER A 40 10.23 -8.79 -39.36
C SER A 40 9.80 -7.39 -38.95
N PRO A 46 16.74 -9.39 -33.93
CA PRO A 46 16.01 -10.45 -33.21
C PRO A 46 16.17 -10.35 -31.69
N ARG A 47 15.10 -10.72 -30.95
CA ARG A 47 15.08 -10.69 -29.49
C ARG A 47 15.03 -12.11 -28.91
N ARG A 48 15.71 -12.33 -27.77
CA ARG A 48 15.77 -13.62 -27.09
C ARG A 48 14.42 -14.00 -26.45
N GLU A 49 14.14 -15.31 -26.38
CA GLU A 49 12.90 -15.87 -25.82
C GLU A 49 12.94 -15.96 -24.30
N TRP A 50 11.75 -15.95 -23.65
CA TRP A 50 11.61 -16.05 -22.20
C TRP A 50 11.65 -17.53 -21.79
N THR A 51 12.50 -17.85 -20.80
CA THR A 51 12.69 -19.22 -20.29
C THR A 51 12.17 -19.43 -18.87
N GLU A 52 12.30 -20.68 -18.37
CA GLU A 52 11.92 -21.11 -17.02
C GLU A 52 12.84 -20.42 -15.99
N ASP A 53 14.14 -20.25 -16.36
CA ASP A 53 15.16 -19.59 -15.53
C ASP A 53 14.90 -18.09 -15.42
N ASP A 54 14.43 -17.47 -16.52
CA ASP A 54 14.07 -16.05 -16.57
C ASP A 54 12.83 -15.80 -15.71
N GLU A 55 11.88 -16.76 -15.75
CA GLU A 55 10.62 -16.75 -15.00
C GLU A 55 10.87 -16.85 -13.49
N SER A 56 11.77 -17.77 -13.07
CA SER A 56 12.16 -17.99 -11.67
C SER A 56 12.83 -16.76 -11.07
N ARG A 57 13.63 -16.04 -11.89
CA ARG A 57 14.34 -14.82 -11.52
C ARG A 57 13.34 -13.67 -11.31
N PHE A 58 12.34 -13.54 -12.22
CA PHE A 58 11.31 -12.50 -12.16
C PHE A 58 10.37 -12.66 -10.96
N VAL A 59 9.90 -13.91 -10.70
CA VAL A 59 8.99 -14.23 -9.58
C VAL A 59 9.67 -13.91 -8.24
N SER A 60 10.96 -14.30 -8.08
CA SER A 60 11.77 -14.02 -6.88
C SER A 60 11.93 -12.52 -6.65
N LYS A 61 12.15 -11.74 -7.73
CA LYS A 61 12.29 -10.28 -7.70
C LYS A 61 10.95 -9.61 -7.39
N LEU A 62 9.85 -10.18 -7.91
CA LEU A 62 8.48 -9.67 -7.72
C LEU A 62 8.00 -9.94 -6.28
N GLU A 63 8.31 -11.13 -5.73
CA GLU A 63 7.95 -11.53 -4.37
C GLU A 63 8.71 -10.70 -3.34
N ALA A 64 9.99 -10.37 -3.62
CA ALA A 64 10.85 -9.55 -2.77
C ALA A 64 10.30 -8.12 -2.68
N GLU A 65 9.74 -7.62 -3.79
CA GLU A 65 9.10 -6.30 -3.87
C GLU A 65 7.76 -6.31 -3.16
N LEU A 66 7.04 -7.46 -3.22
CA LEU A 66 5.74 -7.66 -2.59
C LEU A 66 5.87 -7.66 -1.05
N ASP A 67 6.95 -8.26 -0.52
CA ASP A 67 7.22 -8.33 0.91
C ASP A 67 7.63 -6.96 1.47
N LYS A 68 8.41 -6.18 0.68
CA LYS A 68 8.89 -4.84 1.02
C LYS A 68 7.72 -3.87 1.22
N VAL A 69 6.69 -3.99 0.36
CA VAL A 69 5.47 -3.17 0.41
C VAL A 69 4.60 -3.60 1.60
N HIS A 70 4.34 -4.92 1.73
CA HIS A 70 3.54 -5.52 2.79
C HIS A 70 4.09 -5.28 4.20
N ALA A 71 5.43 -5.16 4.33
CA ALA A 71 6.10 -4.87 5.60
C ALA A 71 5.83 -3.42 6.02
N LYS A 72 5.96 -2.46 5.08
CA LYS A 72 5.71 -1.03 5.31
C LYS A 72 4.22 -0.76 5.58
N GLN A 73 3.32 -1.52 4.90
CA GLN A 73 1.87 -1.43 5.07
C GLN A 73 1.47 -1.86 6.48
N GLN A 74 2.19 -2.85 7.05
CA GLN A 74 1.96 -3.38 8.39
C GLN A 74 2.40 -2.41 9.48
N VAL A 75 3.66 -1.93 9.42
CA VAL A 75 4.27 -1.00 10.40
C VAL A 75 3.43 0.27 10.55
N LYS A 76 3.06 0.92 9.43
CA LYS A 76 2.28 2.15 9.42
C LYS A 76 0.85 1.97 9.95
N ALA A 77 0.12 0.92 9.51
CA ALA A 77 -1.26 0.64 9.94
C ALA A 77 -1.35 0.33 11.44
N MET A 78 -0.38 -0.41 11.98
CA MET A 78 -0.30 -0.78 13.40
C MET A 78 0.01 0.44 14.26
N GLU A 79 0.83 1.38 13.74
CA GLU A 79 1.18 2.63 14.41
C GLU A 79 -0.06 3.52 14.46
N ILE A 80 -0.89 3.50 13.39
CA ILE A 80 -2.15 4.23 13.27
C ILE A 80 -3.17 3.65 14.27
N SER A 81 -3.25 2.30 14.38
CA SER A 81 -4.13 1.58 15.30
C SER A 81 -3.77 1.92 16.76
N ARG A 82 -2.47 2.10 17.04
CA ARG A 82 -1.94 2.50 18.35
C ARG A 82 -2.31 3.96 18.61
N ARG A 83 -2.20 4.83 17.57
CA ARG A 83 -2.55 6.25 17.62
C ARG A 83 -4.04 6.46 17.87
N ILE A 84 -4.89 5.58 17.30
CA ILE A 84 -6.35 5.61 17.48
C ILE A 84 -6.69 5.21 18.92
N ALA A 85 -6.07 4.13 19.43
CA ALA A 85 -6.26 3.59 20.78
C ALA A 85 -5.94 4.60 21.89
N VAL A 86 -4.85 5.38 21.73
CA VAL A 86 -4.46 6.40 22.72
C VAL A 86 -5.36 7.63 22.64
N SER A 87 -5.82 8.00 21.42
CA SER A 87 -6.71 9.15 21.20
C SER A 87 -8.14 8.84 21.65
N GLU A 88 -8.59 7.57 21.50
CA GLU A 88 -9.92 7.10 21.89
C GLU A 88 -10.10 7.22 23.41
N ARG A 89 -9.05 6.90 24.19
CA ARG A 89 -9.02 7.01 25.65
C ARG A 89 -9.10 8.49 26.04
N GLU A 90 -8.33 9.36 25.34
CA GLU A 90 -8.28 10.81 25.55
C GLU A 90 -9.65 11.48 25.33
N VAL A 91 -10.41 11.00 24.32
CA VAL A 91 -11.76 11.52 24.01
C VAL A 91 -12.75 11.01 25.07
N GLN A 92 -12.62 9.73 25.47
CA GLN A 92 -13.45 9.07 26.48
C GLN A 92 -13.44 9.77 27.84
N ASP A 93 -12.24 10.14 28.35
CA ASP A 93 -12.12 10.85 29.62
C ASP A 93 -12.46 12.35 29.50
N VAL A 94 -12.39 12.91 28.26
CA VAL A 94 -12.73 14.31 27.99
C VAL A 94 -14.25 14.46 27.96
N VAL A 95 -14.94 13.53 27.28
CA VAL A 95 -16.41 13.50 27.18
C VAL A 95 -17.03 13.09 28.52
N GLY A 96 -16.29 12.27 29.29
CA GLY A 96 -16.69 11.79 30.60
C GLY A 96 -16.66 12.87 31.67
N ARG A 97 -15.55 13.65 31.72
CA ARG A 97 -15.35 14.75 32.67
C ARG A 97 -16.31 15.91 32.38
N LEU A 98 -16.57 16.19 31.08
CA LEU A 98 -17.48 17.23 30.63
C LEU A 98 -18.93 16.67 30.50
N GLN A 99 -19.35 15.93 31.53
CA GLN A 99 -20.66 15.28 31.66
C GLN A 99 -21.03 15.20 33.16
N ASP A 100 -20.01 15.02 34.03
CA ASP A 100 -20.16 14.94 35.48
C ASP A 100 -19.71 16.23 36.15
N SER A 109 -14.97 23.40 28.41
CA SER A 109 -13.65 23.73 27.90
C SER A 109 -13.56 23.51 26.38
N GLU A 110 -13.50 24.60 25.61
CA GLU A 110 -13.43 24.56 24.14
C GLU A 110 -12.03 24.19 23.61
N GLU A 111 -10.97 24.50 24.39
CA GLU A 111 -9.57 24.21 24.03
C GLU A 111 -9.26 22.71 24.04
N GLU A 112 -9.93 21.94 24.92
CA GLU A 112 -9.74 20.48 25.03
C GLU A 112 -10.21 19.76 23.77
N PHE A 113 -11.32 20.23 23.16
CA PHE A 113 -11.87 19.68 21.92
C PHE A 113 -11.00 20.08 20.73
N MET A 114 -10.41 21.30 20.79
CA MET A 114 -9.53 21.89 19.77
C MET A 114 -8.27 21.04 19.56
N LEU A 115 -7.57 20.67 20.66
CA LEU A 115 -6.36 19.84 20.62
C LEU A 115 -6.66 18.45 20.10
N LEU A 116 -7.81 17.87 20.50
CA LEU A 116 -8.26 16.54 20.07
C LEU A 116 -8.67 16.53 18.60
N GLU A 117 -9.34 17.61 18.12
CA GLU A 117 -9.78 17.74 16.73
C GLU A 117 -8.59 17.74 15.76
N GLU A 118 -7.51 18.47 16.12
CA GLU A 118 -6.28 18.54 15.31
C GLU A 118 -5.50 17.23 15.34
N ASP A 119 -5.51 16.53 16.49
CA ASP A 119 -4.82 15.25 16.66
C ASP A 119 -5.51 14.13 15.87
N LEU A 120 -6.87 14.06 15.95
CA LEU A 120 -7.67 13.05 15.24
C LEU A 120 -7.67 13.23 13.73
N SER A 121 -7.68 14.50 13.24
CA SER A 121 -7.66 14.84 11.82
C SER A 121 -6.32 14.44 11.16
N ASP A 122 -5.22 14.48 11.94
CA ASP A 122 -3.87 14.10 11.50
C ASP A 122 -3.82 12.59 11.24
N ILE A 123 -4.56 11.80 12.05
CA ILE A 123 -4.65 10.34 11.91
C ILE A 123 -5.45 10.01 10.64
N ILE A 124 -6.55 10.76 10.37
CA ILE A 124 -7.41 10.61 9.18
C ILE A 124 -6.56 10.85 7.92
N ALA A 125 -5.71 11.90 7.93
CA ALA A 125 -4.79 12.24 6.85
C ALA A 125 -3.75 11.14 6.66
N ASP A 126 -3.28 10.55 7.78
CA ASP A 126 -2.31 9.44 7.79
C ASP A 126 -2.94 8.16 7.24
N VAL A 127 -4.26 7.96 7.45
CA VAL A 127 -5.04 6.82 6.95
C VAL A 127 -5.13 6.96 5.41
N HIS A 128 -5.48 8.18 4.93
CA HIS A 128 -5.59 8.52 3.51
C HIS A 128 -4.25 8.38 2.78
N ASP A 129 -3.14 8.83 3.43
CA ASP A 129 -1.79 8.73 2.88
C ASP A 129 -1.33 7.27 2.77
N LEU A 130 -1.77 6.42 3.73
CA LEU A 130 -1.48 4.98 3.72
C LEU A 130 -2.34 4.31 2.66
N ALA A 131 -3.62 4.75 2.53
CA ALA A 131 -4.58 4.25 1.54
C ALA A 131 -4.08 4.57 0.13
N LYS A 132 -3.43 5.75 -0.04
CA LYS A 132 -2.83 6.21 -1.29
C LYS A 132 -1.65 5.31 -1.66
N PHE A 133 -0.85 4.90 -0.63
CA PHE A 133 0.30 4.00 -0.77
C PHE A 133 -0.17 2.60 -1.17
N VAL A 134 -1.24 2.09 -0.52
CA VAL A 134 -1.84 0.78 -0.83
C VAL A 134 -2.40 0.81 -2.27
N GLN A 135 -3.03 1.93 -2.68
CA GLN A 135 -3.61 2.15 -4.00
C GLN A 135 -2.54 2.14 -5.12
N VAL A 136 -1.52 3.01 -5.01
CA VAL A 136 -0.45 3.16 -6.01
C VAL A 136 0.39 1.87 -6.14
N ASN A 137 0.59 1.13 -5.03
CA ASN A 137 1.36 -0.12 -5.06
C ASN A 137 0.55 -1.29 -5.63
N TYR A 138 -0.75 -1.41 -5.26
CA TYR A 138 -1.65 -2.45 -5.78
C TYR A 138 -1.77 -2.34 -7.30
N THR A 139 -1.86 -1.09 -7.82
CA THR A 139 -1.93 -0.77 -9.26
C THR A 139 -0.57 -1.13 -9.91
N GLY A 140 0.52 -0.88 -9.19
CA GLY A 140 1.89 -1.16 -9.62
C GLY A 140 2.15 -2.63 -9.92
N PHE A 141 1.74 -3.52 -8.99
CA PHE A 141 1.88 -4.96 -9.17
C PHE A 141 0.91 -5.48 -10.23
N TYR A 142 -0.33 -4.96 -10.23
CA TYR A 142 -1.39 -5.32 -11.19
C TYR A 142 -0.97 -5.02 -12.63
N LYS A 143 -0.32 -3.85 -12.85
CA LYS A 143 0.15 -3.42 -14.16
C LYS A 143 1.38 -4.19 -14.64
N ILE A 144 2.36 -4.45 -13.74
CA ILE A 144 3.59 -5.15 -14.08
C ILE A 144 3.33 -6.66 -14.34
N ILE A 145 2.33 -7.27 -13.65
CA ILE A 145 1.97 -8.67 -13.85
C ILE A 145 1.29 -8.85 -15.22
N LYS A 146 0.41 -7.90 -15.61
CA LYS A 146 -0.25 -7.92 -16.92
C LYS A 146 0.76 -7.63 -18.05
N LYS A 147 1.81 -6.82 -17.74
CA LYS A 147 2.89 -6.47 -18.67
C LYS A 147 3.73 -7.72 -18.95
N HIS A 148 3.94 -8.57 -17.90
CA HIS A 148 4.67 -9.83 -17.97
C HIS A 148 3.93 -10.82 -18.87
N ASP A 149 2.59 -10.94 -18.68
CA ASP A 149 1.70 -11.83 -19.44
C ASP A 149 1.60 -11.42 -20.91
N LYS A 150 1.75 -10.12 -21.21
CA LYS A 150 1.67 -9.55 -22.56
C LYS A 150 3.00 -9.61 -23.32
N MET A 151 4.13 -9.36 -22.63
CA MET A 151 5.47 -9.37 -23.24
C MET A 151 6.06 -10.76 -23.44
N THR A 152 6.08 -11.58 -22.38
CA THR A 152 6.67 -12.91 -22.37
C THR A 152 5.77 -14.00 -22.98
N GLY A 153 4.50 -13.97 -22.62
CA GLY A 153 3.52 -14.97 -23.03
C GLY A 153 3.15 -15.88 -21.86
N TRP A 154 4.06 -15.98 -20.87
CA TRP A 154 3.90 -16.76 -19.65
C TRP A 154 2.95 -15.99 -18.73
N ARG A 155 1.91 -16.67 -18.22
CA ARG A 155 0.93 -16.04 -17.35
C ARG A 155 1.24 -16.18 -15.86
N LEU A 156 1.25 -15.04 -15.13
CA LEU A 156 1.51 -14.97 -13.69
C LEU A 156 0.26 -14.56 -12.89
N LYS A 157 -0.76 -14.03 -13.59
CA LYS A 157 -2.02 -13.57 -13.03
C LYS A 157 -2.83 -14.64 -12.26
N PRO A 158 -2.98 -15.93 -12.70
CA PRO A 158 -3.81 -16.89 -11.94
C PRO A 158 -3.57 -16.99 -10.44
N VAL A 159 -2.30 -17.01 -9.98
CA VAL A 159 -2.03 -17.13 -8.53
C VAL A 159 -1.73 -15.76 -7.87
N PHE A 160 -1.22 -14.79 -8.65
CA PHE A 160 -0.89 -13.47 -8.11
C PHE A 160 -2.10 -12.54 -7.92
N ASP A 161 -3.27 -12.87 -8.52
CA ASP A 161 -4.49 -12.07 -8.34
C ASP A 161 -5.08 -12.25 -6.95
N THR A 162 -4.99 -13.48 -6.40
CA THR A 162 -5.47 -13.82 -5.06
C THR A 162 -4.41 -13.49 -4.00
N ARG A 163 -3.11 -13.46 -4.38
CA ARG A 163 -1.99 -13.11 -3.50
C ARG A 163 -2.06 -11.64 -3.11
N LEU A 164 -2.46 -10.78 -4.07
CA LEU A 164 -2.63 -9.33 -3.86
C LEU A 164 -3.95 -9.03 -3.13
N LYS A 165 -4.97 -9.86 -3.38
CA LYS A 165 -6.30 -9.73 -2.76
C LYS A 165 -6.35 -10.36 -1.35
N ALA A 166 -5.28 -11.10 -0.96
CA ALA A 166 -5.15 -11.75 0.34
C ALA A 166 -5.08 -10.71 1.46
N LYS A 167 -5.92 -10.88 2.50
CA LYS A 167 -6.02 -9.95 3.62
C LYS A 167 -5.09 -10.35 4.78
N PRO A 168 -4.26 -9.42 5.30
CA PRO A 168 -3.38 -9.75 6.43
C PRO A 168 -4.13 -9.81 7.77
N PHE A 169 -3.46 -10.30 8.83
CA PHE A 169 -4.01 -10.49 10.19
C PHE A 169 -4.57 -9.20 10.83
N TYR A 170 -3.87 -8.06 10.65
CA TYR A 170 -4.23 -6.77 11.24
C TYR A 170 -5.40 -6.05 10.55
N LYS A 171 -5.62 -6.34 9.25
CA LYS A 171 -6.64 -5.70 8.39
C LYS A 171 -8.04 -5.62 9.00
N GLU A 172 -8.52 -6.70 9.66
CA GLU A 172 -9.84 -6.75 10.28
C GLU A 172 -9.94 -5.79 11.47
N ASN A 173 -8.90 -5.76 12.33
CA ASN A 173 -8.83 -4.90 13.51
C ASN A 173 -8.53 -3.44 13.13
N TYR A 174 -7.78 -3.22 12.03
CA TYR A 174 -7.42 -1.90 11.53
C TYR A 174 -8.62 -1.18 10.93
N ASP A 175 -9.45 -1.88 10.12
CA ASP A 175 -10.65 -1.33 9.48
C ASP A 175 -11.66 -0.85 10.53
N ALA A 176 -11.81 -1.60 11.64
CA ALA A 176 -12.69 -1.27 12.76
C ALA A 176 -12.20 -0.02 13.49
N SER A 177 -10.85 0.14 13.59
CA SER A 177 -10.20 1.28 14.22
C SER A 177 -10.43 2.57 13.42
N VAL A 178 -10.42 2.46 12.07
CA VAL A 178 -10.66 3.57 11.12
C VAL A 178 -12.14 4.02 11.24
N VAL A 179 -13.06 3.05 11.42
CA VAL A 179 -14.51 3.28 11.59
C VAL A 179 -14.74 4.08 12.89
N ARG A 180 -14.07 3.68 13.99
CA ARG A 180 -14.14 4.35 15.29
C ARG A 180 -13.56 5.77 15.20
N LEU A 181 -12.43 5.93 14.47
CA LEU A 181 -11.73 7.19 14.24
C LEU A 181 -12.64 8.25 13.59
N SER A 182 -13.48 7.82 12.63
CA SER A 182 -14.46 8.67 11.93
C SER A 182 -15.54 9.14 12.90
N LYS A 183 -15.97 8.25 13.81
CA LYS A 183 -16.99 8.52 14.84
C LYS A 183 -16.44 9.45 15.92
N LEU A 184 -15.15 9.28 16.30
CA LEU A 184 -14.47 10.08 17.32
C LEU A 184 -14.28 11.53 16.86
N TYR A 185 -13.98 11.72 15.55
CA TYR A 185 -13.79 13.05 14.94
C TYR A 185 -15.11 13.83 14.84
N ASP A 186 -16.22 13.13 14.56
CA ASP A 186 -17.55 13.73 14.46
C ASP A 186 -18.09 14.13 15.84
N LEU A 187 -17.67 13.41 16.89
CA LEU A 187 -18.05 13.66 18.28
C LEU A 187 -17.38 14.92 18.84
N VAL A 188 -16.07 15.13 18.55
CA VAL A 188 -15.31 16.30 19.03
C VAL A 188 -15.66 17.57 18.24
N ARG A 189 -15.96 17.45 16.93
CA ARG A 189 -16.33 18.57 16.06
C ARG A 189 -17.69 19.17 16.42
N THR A 190 -18.67 18.31 16.78
CA THR A 190 -20.03 18.72 17.15
C THR A 190 -20.05 19.39 18.53
N ARG A 191 -19.27 18.86 19.49
CA ARG A 191 -19.19 19.38 20.86
C ARG A 191 -17.87 20.13 21.08
C ACT B . -14.75 11.02 8.23
O ACT B . -15.28 11.26 9.34
OXT ACT B . -13.80 11.67 7.71
CH3 ACT B . -15.31 9.83 7.41
C1 IHP C . 5.52 1.03 -22.09
C2 IHP C . 4.40 2.01 -21.76
C3 IHP C . 4.78 2.94 -20.61
C4 IHP C . 6.11 3.64 -20.87
C5 IHP C . 7.22 2.65 -21.20
C6 IHP C . 6.83 1.76 -22.36
O11 IHP C . 5.14 0.33 -23.29
P1 IHP C . 5.25 -1.26 -23.65
O21 IHP C . 4.42 -1.57 -24.85
O31 IHP C . 6.74 -1.53 -23.88
O41 IHP C . 4.80 -2.02 -22.40
O12 IHP C . 3.24 1.26 -21.37
P2 IHP C . 1.76 1.29 -22.08
O22 IHP C . 1.78 0.17 -23.12
O32 IHP C . 1.48 2.63 -22.69
O42 IHP C . 0.76 0.91 -20.99
O13 IHP C . 4.88 2.17 -19.39
P3 IHP C . 3.95 2.16 -18.08
O23 IHP C . 4.67 2.82 -16.95
O33 IHP C . 2.64 2.87 -18.44
O43 IHP C . 3.63 0.70 -17.81
O14 IHP C . 6.49 4.37 -19.68
P4 IHP C . 6.22 5.98 -19.40
O24 IHP C . 5.88 6.09 -17.91
O34 IHP C . 7.42 6.77 -19.77
O44 IHP C . 4.97 6.39 -20.20
O15 IHP C . 8.39 3.41 -21.59
P5 IHP C . 9.82 3.60 -20.90
O25 IHP C . 10.09 2.34 -20.06
O35 IHP C . 9.68 4.79 -19.95
O45 IHP C . 10.86 3.82 -21.95
O16 IHP C . 7.86 0.75 -22.52
P6 IHP C . 9.24 0.69 -23.32
O26 IHP C . 9.45 2.07 -23.97
O36 IHP C . 9.21 -0.42 -24.31
O46 IHP C . 10.33 0.51 -22.26
#